data_4KBN
#
_entry.id   4KBN
#
_cell.length_a   87.669
_cell.length_b   93.784
_cell.length_c   95.991
_cell.angle_alpha   90.00
_cell.angle_beta   90.00
_cell.angle_gamma   90.00
#
_symmetry.space_group_name_H-M   'C 2 2 21'
#
loop_
_entity.id
_entity.type
_entity.pdbx_description
1 polymer 'Dihydrofolate reductase'
2 non-polymer 6-ethyl-5-{3-[3-(pyrimidin-5-yl)phenyl]prop-1-yn-1-yl}pyrimidine-2,4-diamine
3 non-polymer ETHANOL
4 non-polymer 'CHLORIDE ION'
5 non-polymer 'MAGNESIUM ION'
6 non-polymer 'NADPH DIHYDRO-NICOTINAMIDE-ADENINE-DINUCLEOTIDE PHOSPHATE'
7 non-polymer 'STRONTIUM ION'
8 non-polymer 'AMMONIUM ION'
9 water water
#
_entity_poly.entity_id   1
_entity_poly.type   'polypeptide(L)'
_entity_poly.pdbx_seq_one_letter_code
;VGSLNCIVAVSQNMGIGKNGDLPWPPLRNEFRYFQRMTTTSSVEGKQNLVIMGKKTWFSIPEKNRPLKGRINLVLSRELK
EPPQGAHFLSRSLDDALKLTEQPELANKVDMVWIVGGSSVYKEAMNHPGHLKLFVTRIMQDFESDTFFPEIDLEKYKLLP
EYPGVLSDVQEEKGIKYKFEVYEKND
;
_entity_poly.pdbx_strand_id   A,B
#
loop_
_chem_comp.id
_chem_comp.type
_chem_comp.name
_chem_comp.formula
25U non-polymer 6-ethyl-5-{3-[3-(pyrimidin-5-yl)phenyl]prop-1-yn-1-yl}pyrimidine-2,4-diamine 'C19 H18 N6'
CL non-polymer 'CHLORIDE ION' 'Cl -1'
EOH non-polymer ETHANOL 'C2 H6 O'
MG non-polymer 'MAGNESIUM ION' 'Mg 2'
NDP non-polymer 'NADPH DIHYDRO-NICOTINAMIDE-ADENINE-DINUCLEOTIDE PHOSPHATE' 'C21 H30 N7 O17 P3'
NH4 non-polymer 'AMMONIUM ION' 'H4 N 1'
SR non-polymer 'STRONTIUM ION' 'Sr 2'
#
# COMPACT_ATOMS: atom_id res chain seq x y z
N VAL A 1 27.36 7.17 -23.42
CA VAL A 1 26.42 6.30 -22.74
C VAL A 1 25.94 5.18 -23.66
N GLY A 2 26.18 3.93 -23.27
CA GLY A 2 25.74 2.82 -24.10
C GLY A 2 24.67 1.94 -23.49
N SER A 3 23.99 2.45 -22.48
CA SER A 3 22.90 1.72 -21.84
C SER A 3 22.05 2.68 -21.04
N LEU A 4 20.78 2.34 -20.88
CA LEU A 4 19.86 3.16 -20.10
C LEU A 4 19.13 2.29 -19.12
N ASN A 5 18.76 2.87 -17.98
CA ASN A 5 17.95 2.17 -17.01
C ASN A 5 16.70 2.96 -16.68
N CYS A 6 15.57 2.27 -16.64
CA CYS A 6 14.35 2.86 -16.12
C CYS A 6 14.02 2.17 -14.82
N ILE A 7 13.51 2.93 -13.87
CA ILE A 7 13.08 2.35 -12.61
C ILE A 7 11.70 2.90 -12.24
N VAL A 8 10.79 2.00 -11.91
CA VAL A 8 9.40 2.38 -11.67
C VAL A 8 8.75 1.42 -10.69
N ALA A 9 7.78 1.90 -9.94
CA ALA A 9 6.95 1.05 -9.10
C ALA A 9 5.52 1.23 -9.60
N VAL A 10 4.84 0.11 -9.84
CA VAL A 10 3.54 0.16 -10.52
C VAL A 10 2.51 -0.75 -9.84
N SER A 11 1.28 -0.24 -9.69
CA SER A 11 0.20 -1.02 -9.11
C SER A 11 -0.37 -2.00 -10.13
N GLN A 12 -1.22 -2.91 -9.64
CA GLN A 12 -1.80 -3.95 -10.48
C GLN A 12 -2.64 -3.37 -11.63
N ASN A 13 -3.20 -2.18 -11.43
CA ASN A 13 -3.99 -1.52 -12.46
C ASN A 13 -3.17 -0.48 -13.22
N MET A 14 -1.86 -0.71 -13.23
CA MET A 14 -0.90 0.10 -14.00
C MET A 14 -0.67 1.53 -13.47
N GLY A 15 -1.06 1.78 -12.23
CA GLY A 15 -0.92 3.11 -11.65
C GLY A 15 0.45 3.41 -11.07
N ILE A 16 0.95 4.61 -11.31
CA ILE A 16 2.21 5.06 -10.72
C ILE A 16 2.04 6.34 -9.90
N GLY A 17 0.94 7.05 -10.12
CA GLY A 17 0.74 8.32 -9.45
C GLY A 17 -0.70 8.66 -9.12
N LYS A 18 -0.88 9.46 -8.07
CA LYS A 18 -2.19 9.96 -7.68
C LYS A 18 -2.05 11.29 -6.94
N ASN A 19 -2.66 12.34 -7.49
CA ASN A 19 -2.63 13.67 -6.89
C ASN A 19 -1.22 14.17 -6.55
N GLY A 20 -0.28 13.95 -7.44
CA GLY A 20 1.06 14.47 -7.28
C GLY A 20 1.95 13.68 -6.33
N ASP A 21 1.45 12.53 -5.89
CA ASP A 21 2.25 11.64 -5.05
C ASP A 21 2.05 10.19 -5.51
N LEU A 22 2.58 9.24 -4.73
CA LEU A 22 2.37 7.83 -5.05
C LEU A 22 0.95 7.43 -4.65
N PRO A 23 0.38 6.45 -5.37
CA PRO A 23 -0.98 5.99 -5.09
C PRO A 23 -1.08 5.22 -3.77
N TRP A 24 0.04 4.62 -3.36
CA TRP A 24 0.08 3.79 -2.16
C TRP A 24 0.79 4.51 -1.02
N PRO A 25 0.55 4.06 0.23
CA PRO A 25 1.31 4.63 1.36
C PRO A 25 2.80 4.30 1.24
N PRO A 26 3.65 5.07 1.93
CA PRO A 26 5.11 4.92 1.80
C PRO A 26 5.61 3.53 2.18
N LEU A 27 6.40 2.94 1.29
CA LEU A 27 7.04 1.64 1.54
C LEU A 27 8.53 1.90 1.70
N ARG A 28 9.03 1.79 2.92
N ARG A 28 9.02 1.81 2.93
CA ARG A 28 10.39 2.21 3.24
CA ARG A 28 10.38 2.17 3.28
C ARG A 28 11.47 1.44 2.49
C ARG A 28 11.44 1.43 2.48
N ASN A 29 11.37 0.11 2.47
CA ASN A 29 12.38 -0.71 1.80
C ASN A 29 12.30 -0.60 0.29
N GLU A 30 11.09 -0.37 -0.23
CA GLU A 30 10.91 -0.15 -1.66
C GLU A 30 11.60 1.14 -2.06
N PHE A 31 11.49 2.16 -1.21
CA PHE A 31 12.18 3.42 -1.46
C PHE A 31 13.70 3.27 -1.38
N ARG A 32 14.18 2.52 -0.40
N ARG A 32 14.19 2.52 -0.40
CA ARG A 32 15.61 2.28 -0.23
CA ARG A 32 15.62 2.30 -0.26
C ARG A 32 16.18 1.55 -1.45
C ARG A 32 16.19 1.54 -1.46
N TYR A 33 15.38 0.65 -2.02
CA TYR A 33 15.74 -0.05 -3.24
C TYR A 33 15.90 0.95 -4.37
N PHE A 34 14.95 1.86 -4.48
CA PHE A 34 15.00 2.92 -5.47
C PHE A 34 16.25 3.77 -5.27
N GLN A 35 16.56 4.10 -4.01
CA GLN A 35 17.76 4.87 -3.70
C GLN A 35 19.01 4.11 -4.11
N ARG A 36 19.10 2.85 -3.68
CA ARG A 36 20.28 2.03 -3.92
C ARG A 36 20.56 1.88 -5.41
N MET A 37 19.53 1.56 -6.18
CA MET A 37 19.70 1.32 -7.61
C MET A 37 20.13 2.57 -8.35
N THR A 38 19.47 3.70 -8.06
CA THR A 38 19.75 4.95 -8.75
C THR A 38 21.06 5.63 -8.32
N THR A 39 21.47 5.40 -7.07
CA THR A 39 22.61 6.12 -6.53
C THR A 39 23.93 5.37 -6.74
N THR A 40 23.88 4.04 -6.68
CA THR A 40 25.09 3.23 -6.72
C THR A 40 25.81 3.34 -8.06
N SER A 41 27.04 3.84 -8.01
CA SER A 41 27.87 3.96 -9.20
C SER A 41 29.03 2.98 -9.12
N SER A 42 29.38 2.38 -10.25
CA SER A 42 30.44 1.40 -10.27
C SER A 42 31.80 2.03 -10.55
N VAL A 43 31.80 3.33 -10.84
CA VAL A 43 33.03 4.05 -11.15
C VAL A 43 33.41 5.13 -10.14
N GLU A 44 34.57 4.98 -9.52
CA GLU A 44 35.09 6.00 -8.61
C GLU A 44 35.18 7.34 -9.33
N GLY A 45 34.72 8.41 -8.69
CA GLY A 45 34.86 9.74 -9.26
C GLY A 45 33.70 10.15 -10.13
N LYS A 46 32.75 9.24 -10.30
CA LYS A 46 31.57 9.51 -11.11
C LYS A 46 30.30 9.31 -10.30
N GLN A 47 29.23 9.98 -10.73
CA GLN A 47 27.93 9.78 -10.12
C GLN A 47 26.96 9.36 -11.20
N ASN A 48 25.87 8.70 -10.80
CA ASN A 48 24.82 8.38 -11.74
C ASN A 48 24.02 9.62 -12.08
N LEU A 49 23.39 9.60 -13.24
CA LEU A 49 22.53 10.69 -13.67
C LEU A 49 21.08 10.23 -13.58
N VAL A 50 20.26 11.00 -12.89
CA VAL A 50 18.82 10.75 -12.89
C VAL A 50 18.10 11.74 -13.79
N ILE A 51 17.17 11.21 -14.58
CA ILE A 51 16.40 12.03 -15.50
C ILE A 51 14.93 11.89 -15.15
N MET A 52 14.25 13.02 -14.98
CA MET A 52 12.86 13.00 -14.56
C MET A 52 12.04 14.11 -15.23
N GLY A 53 10.74 13.90 -15.28
CA GLY A 53 9.82 14.91 -15.78
C GLY A 53 9.67 16.04 -14.78
N LYS A 54 9.06 17.13 -15.21
CA LYS A 54 8.94 18.33 -14.37
C LYS A 54 8.03 18.09 -13.17
N LYS A 55 6.91 17.41 -13.39
CA LYS A 55 5.96 17.12 -12.32
C LYS A 55 6.55 16.21 -11.24
N THR A 56 7.31 15.20 -11.68
CA THR A 56 8.02 14.32 -10.76
C THR A 56 9.00 15.10 -9.89
N TRP A 57 9.71 16.04 -10.52
CA TRP A 57 10.63 16.91 -9.79
C TRP A 57 9.94 17.62 -8.64
N PHE A 58 8.80 18.24 -8.92
CA PHE A 58 8.06 18.99 -7.92
C PHE A 58 7.29 18.07 -6.97
N SER A 59 7.23 16.79 -7.29
CA SER A 59 6.64 15.81 -6.39
C SER A 59 7.62 15.45 -5.27
N ILE A 60 8.89 15.77 -5.48
CA ILE A 60 9.91 15.58 -4.45
C ILE A 60 9.90 16.76 -3.49
N PRO A 61 9.90 16.48 -2.17
CA PRO A 61 9.97 17.53 -1.16
C PRO A 61 11.21 18.40 -1.34
N GLU A 62 11.04 19.71 -1.28
CA GLU A 62 12.12 20.68 -1.51
C GLU A 62 13.42 20.35 -0.78
N LYS A 63 13.27 19.85 0.45
CA LYS A 63 14.41 19.56 1.31
C LYS A 63 15.19 18.34 0.83
N ASN A 64 14.62 17.61 -0.11
CA ASN A 64 15.26 16.42 -0.64
C ASN A 64 15.67 16.63 -2.10
N ARG A 65 15.55 17.88 -2.56
CA ARG A 65 15.97 18.24 -3.91
C ARG A 65 17.23 19.08 -3.85
N PRO A 66 18.19 18.80 -4.75
CA PRO A 66 18.15 17.68 -5.70
C PRO A 66 18.43 16.35 -5.00
N LEU A 67 18.11 15.24 -5.65
CA LEU A 67 18.39 13.92 -5.09
C LEU A 67 19.87 13.77 -4.82
N LYS A 68 20.21 13.52 -3.54
CA LYS A 68 21.59 13.48 -3.09
C LYS A 68 22.37 12.32 -3.71
N GLY A 69 23.64 12.56 -4.00
CA GLY A 69 24.52 11.53 -4.52
C GLY A 69 24.32 11.25 -6.00
N ARG A 70 23.42 11.99 -6.63
CA ARG A 70 23.14 11.82 -8.05
C ARG A 70 23.07 13.15 -8.77
N ILE A 71 23.44 13.16 -10.05
CA ILE A 71 23.26 14.34 -10.89
C ILE A 71 21.81 14.39 -11.36
N ASN A 72 21.13 15.47 -11.02
CA ASN A 72 19.70 15.59 -11.28
C ASN A 72 19.40 16.38 -12.56
N LEU A 73 18.79 15.71 -13.53
CA LEU A 73 18.40 16.37 -14.76
C LEU A 73 16.88 16.35 -14.94
N VAL A 74 16.31 17.50 -15.27
CA VAL A 74 14.86 17.61 -15.45
C VAL A 74 14.51 17.86 -16.91
N LEU A 75 13.53 17.12 -17.43
CA LEU A 75 13.03 17.35 -18.79
C LEU A 75 11.85 18.30 -18.82
N SER A 76 11.89 19.26 -19.74
CA SER A 76 10.78 20.17 -19.98
C SER A 76 10.92 20.88 -21.32
N ARG A 77 9.80 21.03 -22.02
CA ARG A 77 9.77 21.78 -23.28
C ARG A 77 9.38 23.23 -23.00
N GLU A 78 8.97 23.49 -21.77
N GLU A 78 9.02 23.49 -21.75
CA GLU A 78 8.50 24.83 -21.41
CA GLU A 78 8.45 24.77 -21.35
C GLU A 78 9.54 25.63 -20.63
C GLU A 78 9.45 25.63 -20.56
N LEU A 79 10.21 24.99 -19.68
CA LEU A 79 11.24 25.67 -18.89
C LEU A 79 12.40 26.10 -19.77
N LYS A 80 13.03 27.22 -19.44
CA LYS A 80 14.18 27.69 -20.21
C LYS A 80 15.48 27.55 -19.42
N GLU A 81 15.35 27.21 -18.15
CA GLU A 81 16.48 26.98 -17.27
C GLU A 81 16.05 25.91 -16.26
N PRO A 82 17.02 25.19 -15.68
CA PRO A 82 16.62 24.17 -14.69
C PRO A 82 15.91 24.79 -13.51
N PRO A 83 14.90 24.10 -12.96
CA PRO A 83 14.26 24.58 -11.74
C PRO A 83 15.27 24.67 -10.61
N GLN A 84 15.03 25.53 -9.62
CA GLN A 84 15.98 25.72 -8.54
C GLN A 84 16.38 24.42 -7.86
N GLY A 85 17.68 24.16 -7.80
CA GLY A 85 18.19 22.96 -7.18
C GLY A 85 18.61 21.89 -8.19
N ALA A 86 17.97 21.90 -9.35
CA ALA A 86 18.30 20.93 -10.39
C ALA A 86 19.60 21.30 -11.06
N HIS A 87 20.35 20.30 -11.51
CA HIS A 87 21.66 20.54 -12.09
C HIS A 87 21.59 20.83 -13.59
N PHE A 88 20.66 20.19 -14.29
CA PHE A 88 20.55 20.36 -15.72
C PHE A 88 19.11 20.32 -16.22
N LEU A 89 18.89 20.82 -17.43
CA LEU A 89 17.58 20.82 -18.06
C LEU A 89 17.76 20.47 -19.52
N SER A 90 16.90 19.59 -20.03
CA SER A 90 16.90 19.24 -21.44
C SER A 90 15.48 19.17 -21.97
N ARG A 91 15.35 19.37 -23.27
N ARG A 91 15.33 19.38 -23.27
CA ARG A 91 14.06 19.41 -23.94
CA ARG A 91 14.01 19.39 -23.89
C ARG A 91 13.61 18.02 -24.38
C ARG A 91 13.58 18.00 -24.35
N SER A 92 14.51 17.05 -24.30
CA SER A 92 14.22 15.69 -24.71
C SER A 92 15.24 14.73 -24.10
N LEU A 93 14.93 13.44 -24.14
CA LEU A 93 15.87 12.43 -23.64
C LEU A 93 17.14 12.45 -24.48
N ASP A 94 16.96 12.60 -25.79
CA ASP A 94 18.10 12.62 -26.70
C ASP A 94 19.00 13.79 -26.39
N ASP A 95 18.41 14.96 -26.14
CA ASP A 95 19.19 16.14 -25.78
C ASP A 95 19.94 15.90 -24.47
N ALA A 96 19.29 15.23 -23.53
CA ALA A 96 19.88 14.94 -22.23
C ALA A 96 21.11 14.03 -22.33
N LEU A 97 21.01 13.02 -23.20
CA LEU A 97 22.08 12.04 -23.40
C LEU A 97 23.28 12.64 -24.09
N LYS A 98 23.00 13.60 -24.94
CA LYS A 98 23.99 14.33 -25.72
C LYS A 98 24.80 15.21 -24.79
N LEU A 99 24.09 15.77 -23.82
CA LEU A 99 24.65 16.67 -22.84
C LEU A 99 25.73 15.96 -22.04
N THR A 100 25.56 14.66 -21.88
CA THR A 100 26.54 13.84 -21.18
C THR A 100 27.87 13.79 -21.92
N GLU A 101 27.82 14.04 -23.23
CA GLU A 101 29.01 14.01 -24.07
C GLU A 101 29.72 15.37 -24.14
N GLN A 102 29.15 16.37 -23.47
CA GLN A 102 29.71 17.71 -23.47
C GLN A 102 30.79 17.84 -22.40
N PRO A 103 31.64 18.89 -22.50
CA PRO A 103 32.78 19.03 -21.59
C PRO A 103 32.42 19.03 -20.10
N GLU A 104 31.36 19.72 -19.72
CA GLU A 104 30.90 19.76 -18.33
C GLU A 104 30.67 18.38 -17.72
N LEU A 105 29.96 17.52 -18.45
CA LEU A 105 29.58 16.20 -17.93
C LEU A 105 30.47 15.06 -18.37
N ALA A 106 31.42 15.33 -19.26
CA ALA A 106 32.31 14.27 -19.72
C ALA A 106 33.07 13.70 -18.53
N ASN A 107 33.11 12.37 -18.46
CA ASN A 107 33.81 11.66 -17.38
C ASN A 107 33.27 11.94 -15.97
N LYS A 108 32.00 12.33 -15.89
CA LYS A 108 31.38 12.65 -14.61
C LYS A 108 30.20 11.71 -14.35
N VAL A 109 29.64 11.18 -15.43
CA VAL A 109 28.44 10.35 -15.35
C VAL A 109 28.76 8.87 -15.54
N ASP A 110 28.34 8.04 -14.60
CA ASP A 110 28.39 6.60 -14.77
C ASP A 110 27.11 6.14 -15.45
N MET A 111 26.16 5.65 -14.64
N MET A 111 26.17 5.64 -14.65
CA MET A 111 24.91 5.12 -15.15
CA MET A 111 24.92 5.12 -15.20
C MET A 111 23.86 6.21 -15.32
C MET A 111 23.84 6.19 -15.31
N VAL A 112 22.92 5.99 -16.25
CA VAL A 112 21.81 6.90 -16.44
C VAL A 112 20.52 6.22 -16.00
N TRP A 113 19.77 6.88 -15.13
CA TRP A 113 18.52 6.33 -14.61
C TRP A 113 17.34 7.24 -14.90
N ILE A 114 16.34 6.71 -15.60
CA ILE A 114 15.09 7.43 -15.84
C ILE A 114 14.11 7.08 -14.73
N VAL A 115 13.63 8.10 -14.01
CA VAL A 115 12.80 7.86 -12.84
C VAL A 115 11.37 8.39 -12.96
N GLY A 116 10.91 8.60 -14.20
CA GLY A 116 9.54 9.02 -14.44
C GLY A 116 9.41 10.50 -14.77
N GLY A 117 8.20 10.92 -15.14
CA GLY A 117 7.02 10.08 -15.09
C GLY A 117 6.64 9.41 -16.40
N SER A 118 5.34 9.28 -16.62
CA SER A 118 4.78 8.53 -17.74
C SER A 118 5.43 8.79 -19.10
N SER A 119 5.41 10.05 -19.55
CA SER A 119 5.95 10.39 -20.86
C SER A 119 7.45 10.15 -20.94
N VAL A 120 8.15 10.32 -19.82
CA VAL A 120 9.58 10.08 -19.77
C VAL A 120 9.88 8.60 -19.96
N TYR A 121 9.10 7.76 -19.29
CA TYR A 121 9.22 6.31 -19.46
C TYR A 121 8.96 5.89 -20.90
N LYS A 122 7.89 6.42 -21.48
CA LYS A 122 7.51 6.06 -22.85
C LYS A 122 8.63 6.37 -23.85
N GLU A 123 9.21 7.56 -23.76
CA GLU A 123 10.32 7.93 -24.62
C GLU A 123 11.53 7.04 -24.39
N ALA A 124 11.91 6.89 -23.13
CA ALA A 124 13.07 6.08 -22.77
C ALA A 124 12.96 4.63 -23.24
N MET A 125 11.79 4.04 -23.07
CA MET A 125 11.62 2.63 -23.39
C MET A 125 11.67 2.34 -24.90
N ASN A 126 11.49 3.39 -25.70
CA ASN A 126 11.60 3.24 -27.15
C ASN A 126 12.96 3.67 -27.68
N HIS A 127 13.82 4.19 -26.80
CA HIS A 127 15.16 4.63 -27.17
C HIS A 127 15.99 3.42 -27.61
N PRO A 128 16.77 3.57 -28.70
CA PRO A 128 17.55 2.43 -29.23
C PRO A 128 18.67 1.99 -28.30
N GLY A 129 19.07 0.73 -28.45
CA GLY A 129 20.20 0.20 -27.72
C GLY A 129 19.80 -0.60 -26.48
N HIS A 130 20.77 -0.89 -25.63
CA HIS A 130 20.52 -1.68 -24.44
C HIS A 130 19.74 -0.87 -23.40
N LEU A 131 18.71 -1.50 -22.83
CA LEU A 131 17.89 -0.84 -21.84
C LEU A 131 17.40 -1.85 -20.83
N LYS A 132 17.55 -1.55 -19.55
CA LYS A 132 16.96 -2.37 -18.50
C LYS A 132 15.83 -1.62 -17.82
N LEU A 133 14.74 -2.33 -17.57
CA LEU A 133 13.62 -1.76 -16.84
C LEU A 133 13.50 -2.44 -15.49
N PHE A 134 13.66 -1.65 -14.43
CA PHE A 134 13.48 -2.16 -13.08
C PHE A 134 12.07 -1.83 -12.62
N VAL A 135 11.22 -2.85 -12.60
CA VAL A 135 9.80 -2.68 -12.36
C VAL A 135 9.37 -3.37 -11.07
N THR A 136 8.94 -2.57 -10.11
CA THR A 136 8.35 -3.12 -8.90
C THR A 136 6.86 -3.29 -9.09
N ARG A 137 6.38 -4.52 -9.06
CA ARG A 137 4.96 -4.81 -9.20
C ARG A 137 4.28 -4.77 -7.85
N ILE A 138 3.59 -3.66 -7.55
CA ILE A 138 2.76 -3.59 -6.36
C ILE A 138 1.54 -4.46 -6.67
N MET A 139 1.40 -5.56 -5.93
N MET A 139 1.41 -5.56 -5.95
CA MET A 139 0.45 -6.58 -6.30
CA MET A 139 0.43 -6.59 -6.29
C MET A 139 -0.99 -6.37 -5.83
C MET A 139 -0.98 -6.35 -5.77
N GLN A 140 -1.48 -5.13 -5.93
CA GLN A 140 -2.88 -4.84 -5.67
C GLN A 140 -3.28 -3.54 -6.38
N ASP A 141 -4.57 -3.36 -6.58
CA ASP A 141 -5.08 -2.15 -7.21
C ASP A 141 -5.00 -0.94 -6.29
N PHE A 142 -4.63 0.20 -6.87
CA PHE A 142 -4.65 1.48 -6.17
C PHE A 142 -5.22 2.57 -7.09
N GLU A 143 -6.02 3.45 -6.51
CA GLU A 143 -6.56 4.61 -7.23
C GLU A 143 -5.44 5.48 -7.79
N SER A 144 -5.47 5.71 -9.10
CA SER A 144 -4.38 6.43 -9.74
C SER A 144 -4.87 7.41 -10.81
N ASP A 145 -4.06 8.43 -11.08
CA ASP A 145 -4.35 9.38 -12.16
C ASP A 145 -3.16 9.46 -13.13
N THR A 146 -2.14 8.65 -12.88
CA THR A 146 -0.94 8.60 -13.69
C THR A 146 -0.54 7.15 -13.85
N PHE A 147 -0.26 6.73 -15.09
CA PHE A 147 -0.13 5.31 -15.38
C PHE A 147 1.18 4.93 -16.07
N PHE A 148 1.49 3.64 -16.01
CA PHE A 148 2.64 3.08 -16.70
C PHE A 148 2.11 2.15 -17.77
N PRO A 149 2.53 2.37 -19.03
CA PRO A 149 2.04 1.58 -20.16
C PRO A 149 2.51 0.14 -20.07
N GLU A 150 1.75 -0.77 -20.65
CA GLU A 150 2.12 -2.18 -20.65
C GLU A 150 3.41 -2.36 -21.45
N ILE A 151 4.25 -3.29 -21.02
CA ILE A 151 5.56 -3.48 -21.64
C ILE A 151 5.47 -4.34 -22.89
N ASP A 152 6.08 -3.85 -23.97
CA ASP A 152 6.08 -4.55 -25.25
C ASP A 152 7.02 -5.75 -25.21
N LEU A 153 6.46 -6.94 -25.02
N LEU A 153 6.44 -6.93 -25.06
CA LEU A 153 7.27 -8.15 -24.91
CA LEU A 153 7.21 -8.17 -24.92
C LEU A 153 7.90 -8.58 -26.23
C LEU A 153 7.89 -8.58 -26.22
N GLU A 154 7.59 -7.87 -27.30
CA GLU A 154 8.25 -8.10 -28.58
C GLU A 154 9.68 -7.57 -28.48
N LYS A 155 9.83 -6.52 -27.68
CA LYS A 155 11.11 -5.85 -27.49
C LYS A 155 11.80 -6.32 -26.22
N TYR A 156 11.02 -6.36 -25.14
CA TYR A 156 11.57 -6.64 -23.81
C TYR A 156 11.35 -8.06 -23.33
N LYS A 157 12.34 -8.60 -22.63
N LYS A 157 12.34 -8.58 -22.61
CA LYS A 157 12.20 -9.91 -22.00
CA LYS A 157 12.22 -9.90 -22.00
C LYS A 157 12.31 -9.79 -20.48
C LYS A 157 12.32 -9.79 -20.48
N LEU A 158 11.44 -10.48 -19.77
CA LEU A 158 11.50 -10.53 -18.33
C LEU A 158 12.61 -11.48 -17.91
N LEU A 159 13.57 -10.98 -17.16
CA LEU A 159 14.68 -11.81 -16.73
C LEU A 159 14.23 -12.58 -15.49
N PRO A 160 14.41 -13.91 -15.49
CA PRO A 160 13.89 -14.80 -14.46
C PRO A 160 14.48 -14.53 -13.07
N GLU A 161 15.74 -14.14 -13.03
N GLU A 161 15.77 -14.24 -13.02
CA GLU A 161 16.38 -13.77 -11.79
CA GLU A 161 16.44 -13.85 -11.79
C GLU A 161 17.32 -12.65 -12.15
C GLU A 161 17.38 -12.71 -12.15
N TYR A 162 17.97 -12.04 -11.15
CA TYR A 162 18.94 -11.00 -11.45
C TYR A 162 19.84 -10.69 -10.26
N PRO A 163 21.15 -10.55 -10.53
CA PRO A 163 22.14 -10.26 -9.49
C PRO A 163 21.84 -8.92 -8.82
N GLY A 164 21.76 -8.93 -7.49
CA GLY A 164 21.51 -7.72 -6.73
C GLY A 164 20.03 -7.42 -6.53
N VAL A 165 19.17 -8.24 -7.13
CA VAL A 165 17.73 -8.03 -7.01
C VAL A 165 17.02 -9.23 -6.42
N LEU A 166 16.25 -9.00 -5.36
CA LEU A 166 15.50 -10.06 -4.68
C LEU A 166 14.41 -10.62 -5.58
N SER A 167 14.26 -11.93 -5.57
CA SER A 167 13.29 -12.59 -6.45
C SER A 167 11.94 -12.86 -5.78
N ASP A 168 11.96 -13.07 -4.46
CA ASP A 168 10.74 -13.47 -3.77
C ASP A 168 9.81 -12.29 -3.56
N VAL A 169 8.53 -12.61 -3.36
CA VAL A 169 7.55 -11.58 -3.05
C VAL A 169 7.92 -10.90 -1.74
N GLN A 170 7.88 -9.57 -1.74
CA GLN A 170 8.18 -8.77 -0.56
C GLN A 170 6.88 -8.26 0.05
N GLU A 171 6.94 -7.86 1.31
CA GLU A 171 5.77 -7.29 1.96
C GLU A 171 6.13 -6.19 2.95
N GLU A 172 5.53 -5.02 2.77
CA GLU A 172 5.68 -3.91 3.70
C GLU A 172 4.31 -3.29 3.92
N LYS A 173 3.98 -3.03 5.19
N LYS A 173 3.98 -3.03 5.18
CA LYS A 173 2.71 -2.43 5.57
CA LYS A 173 2.71 -2.41 5.53
C LYS A 173 1.52 -3.18 4.98
C LYS A 173 1.51 -3.18 4.98
N GLY A 174 1.60 -4.50 4.97
CA GLY A 174 0.53 -5.33 4.45
C GLY A 174 0.42 -5.35 2.94
N ILE A 175 1.30 -4.62 2.27
CA ILE A 175 1.29 -4.54 0.82
C ILE A 175 2.36 -5.43 0.22
N LYS A 176 1.95 -6.34 -0.65
CA LYS A 176 2.87 -7.26 -1.28
C LYS A 176 3.39 -6.67 -2.59
N TYR A 177 4.67 -6.84 -2.85
CA TYR A 177 5.23 -6.42 -4.13
C TYR A 177 6.39 -7.31 -4.56
N LYS A 178 6.81 -7.15 -5.81
CA LYS A 178 7.84 -8.00 -6.37
C LYS A 178 8.74 -7.18 -7.29
N PHE A 179 10.04 -7.44 -7.22
CA PHE A 179 11.00 -6.75 -8.07
C PHE A 179 11.17 -7.52 -9.36
N GLU A 180 10.97 -6.84 -10.48
CA GLU A 180 11.17 -7.44 -11.79
C GLU A 180 12.22 -6.68 -12.57
N VAL A 181 12.93 -7.38 -13.45
CA VAL A 181 13.88 -6.74 -14.35
C VAL A 181 13.60 -7.14 -15.79
N TYR A 182 13.36 -6.15 -16.64
CA TYR A 182 13.17 -6.39 -18.07
C TYR A 182 14.38 -5.86 -18.82
N GLU A 183 14.62 -6.42 -20.00
CA GLU A 183 15.79 -6.03 -20.77
C GLU A 183 15.56 -6.10 -22.27
N LYS A 184 16.07 -5.11 -22.98
CA LYS A 184 16.20 -5.20 -24.43
C LYS A 184 17.63 -4.83 -24.80
N ASN A 185 18.07 -5.26 -25.98
CA ASN A 185 19.46 -5.10 -26.37
C ASN A 185 19.57 -4.18 -27.57
N ASP A 186 18.45 -3.99 -28.27
CA ASP A 186 18.46 -3.27 -29.54
C ASP A 186 17.47 -2.10 -29.55
N VAL B 1 -0.41 -13.14 3.51
CA VAL B 1 -0.53 -11.90 4.27
C VAL B 1 0.18 -12.01 5.63
N GLY B 2 1.10 -11.07 5.85
CA GLY B 2 1.88 -10.99 7.06
C GLY B 2 1.47 -9.77 7.85
N SER B 3 0.19 -9.45 7.81
CA SER B 3 -0.32 -8.24 8.45
C SER B 3 -1.77 -8.44 8.87
N LEU B 4 -2.22 -7.63 9.82
CA LEU B 4 -3.58 -7.73 10.31
C LEU B 4 -4.23 -6.36 10.30
N ASN B 5 -5.54 -6.37 10.08
CA ASN B 5 -6.33 -5.15 10.17
C ASN B 5 -7.45 -5.30 11.20
N CYS B 6 -7.62 -4.28 12.03
CA CYS B 6 -8.78 -4.19 12.90
C CYS B 6 -9.67 -3.08 12.39
N ILE B 7 -10.98 -3.28 12.50
CA ILE B 7 -11.92 -2.25 12.13
C ILE B 7 -13.00 -2.13 13.19
N VAL B 8 -13.24 -0.90 13.63
CA VAL B 8 -14.14 -0.66 14.75
C VAL B 8 -14.77 0.72 14.63
N ALA B 9 -15.98 0.86 15.16
CA ALA B 9 -16.60 2.16 15.30
C ALA B 9 -16.80 2.39 16.80
N VAL B 10 -16.40 3.56 17.29
CA VAL B 10 -16.36 3.79 18.73
C VAL B 10 -16.96 5.14 19.09
N SER B 11 -17.76 5.16 20.15
CA SER B 11 -18.34 6.41 20.63
C SER B 11 -17.32 7.23 21.41
N GLN B 12 -17.70 8.46 21.73
N GLN B 12 -17.70 8.46 21.74
CA GLN B 12 -16.86 9.39 22.45
CA GLN B 12 -16.83 9.38 22.45
C GLN B 12 -16.44 8.87 23.82
C GLN B 12 -16.43 8.83 23.82
N ASN B 13 -17.30 8.03 24.40
CA ASN B 13 -17.03 7.42 25.70
C ASN B 13 -16.49 6.00 25.60
N MET B 14 -15.87 5.69 24.47
CA MET B 14 -15.23 4.39 24.22
C MET B 14 -16.20 3.23 24.03
N GLY B 15 -17.46 3.51 23.77
CA GLY B 15 -18.45 2.46 23.61
C GLY B 15 -18.50 1.86 22.21
N ILE B 16 -18.62 0.54 22.15
CA ILE B 16 -18.81 -0.14 20.87
C ILE B 16 -20.08 -0.99 20.83
N GLY B 17 -20.62 -1.29 22.00
CA GLY B 17 -21.77 -2.15 22.07
C GLY B 17 -22.73 -1.82 23.19
N LYS B 18 -24.00 -2.16 22.98
CA LYS B 18 -25.03 -2.00 24.00
C LYS B 18 -26.15 -3.01 23.74
N ASN B 19 -26.39 -3.88 24.72
CA ASN B 19 -27.44 -4.89 24.63
C ASN B 19 -27.38 -5.76 23.38
N GLY B 20 -26.17 -6.15 22.99
CA GLY B 20 -25.99 -7.05 21.87
C GLY B 20 -26.09 -6.40 20.50
N ASP B 21 -26.17 -5.08 20.48
CA ASP B 21 -26.18 -4.34 19.22
C ASP B 21 -25.28 -3.11 19.35
N LEU B 22 -25.29 -2.25 18.34
CA LEU B 22 -24.52 -1.01 18.42
C LEU B 22 -25.21 -0.02 19.34
N PRO B 23 -24.44 0.84 20.02
CA PRO B 23 -25.02 1.82 20.95
C PRO B 23 -25.80 2.92 20.23
N TRP B 24 -25.45 3.17 18.97
CA TRP B 24 -26.07 4.23 18.18
C TRP B 24 -27.01 3.64 17.12
N PRO B 25 -27.94 4.47 16.61
CA PRO B 25 -28.82 4.05 15.50
C PRO B 25 -28.01 3.70 14.25
N PRO B 26 -28.58 2.90 13.34
CA PRO B 26 -27.86 2.46 12.14
C PRO B 26 -27.38 3.61 11.25
N LEU B 27 -26.10 3.58 10.92
CA LEU B 27 -25.49 4.55 10.03
C LEU B 27 -25.16 3.83 8.72
N ARG B 28 -25.90 4.14 7.65
N ARG B 28 -25.89 4.15 7.66
CA ARG B 28 -25.84 3.38 6.40
CA ARG B 28 -25.82 3.41 6.40
C ARG B 28 -24.48 3.42 5.71
C ARG B 28 -24.42 3.41 5.81
N ASN B 29 -23.90 4.62 5.57
CA ASN B 29 -22.60 4.76 4.91
C ASN B 29 -21.44 4.26 5.75
N GLU B 30 -21.59 4.35 7.06
CA GLU B 30 -20.59 3.82 7.98
C GLU B 30 -20.56 2.30 7.86
N PHE B 31 -21.73 1.68 7.73
CA PHE B 31 -21.82 0.25 7.51
C PHE B 31 -21.26 -0.15 6.15
N ARG B 32 -21.59 0.62 5.13
CA ARG B 32 -21.06 0.40 3.80
C ARG B 32 -19.55 0.50 3.80
N TYR B 33 -19.03 1.45 4.55
CA TYR B 33 -17.58 1.60 4.72
C TYR B 33 -16.99 0.34 5.33
N PHE B 34 -17.64 -0.18 6.36
CA PHE B 34 -17.21 -1.42 6.98
C PHE B 34 -17.26 -2.57 5.97
N GLN B 35 -18.32 -2.61 5.18
CA GLN B 35 -18.49 -3.62 4.15
C GLN B 35 -17.38 -3.49 3.11
N ARG B 36 -17.18 -2.27 2.63
CA ARG B 36 -16.19 -2.01 1.58
C ARG B 36 -14.78 -2.39 2.03
N MET B 37 -14.38 -1.97 3.22
CA MET B 37 -13.04 -2.22 3.71
C MET B 37 -12.77 -3.72 3.95
N THR B 38 -13.73 -4.40 4.56
CA THR B 38 -13.55 -5.81 4.89
C THR B 38 -13.69 -6.75 3.68
N THR B 39 -14.44 -6.33 2.67
CA THR B 39 -14.73 -7.21 1.53
C THR B 39 -13.76 -7.04 0.37
N THR B 40 -13.31 -5.80 0.15
CA THR B 40 -12.58 -5.48 -1.07
C THR B 40 -11.22 -6.16 -1.21
N SER B 41 -11.11 -7.05 -2.19
CA SER B 41 -9.84 -7.64 -2.56
C SER B 41 -9.65 -7.54 -4.07
N SER B 42 -8.48 -7.06 -4.49
CA SER B 42 -8.17 -6.93 -5.92
C SER B 42 -7.36 -8.13 -6.38
N VAL B 43 -7.12 -9.07 -5.48
CA VAL B 43 -6.31 -10.24 -5.81
C VAL B 43 -7.23 -11.38 -6.22
N GLU B 44 -7.26 -11.65 -7.51
CA GLU B 44 -8.12 -12.69 -8.09
C GLU B 44 -7.84 -14.07 -7.52
N GLY B 45 -8.92 -14.78 -7.20
CA GLY B 45 -8.82 -16.14 -6.70
C GLY B 45 -8.77 -16.18 -5.18
N LYS B 46 -8.76 -15.01 -4.57
CA LYS B 46 -8.72 -14.94 -3.11
C LYS B 46 -9.83 -14.07 -2.52
N GLN B 47 -10.17 -14.33 -1.26
CA GLN B 47 -11.12 -13.52 -0.51
C GLN B 47 -10.47 -13.06 0.79
N ASN B 48 -11.00 -11.98 1.37
CA ASN B 48 -10.56 -11.54 2.68
C ASN B 48 -11.13 -12.43 3.78
N LEU B 49 -10.44 -12.48 4.91
CA LEU B 49 -10.91 -13.22 6.06
C LEU B 49 -11.35 -12.25 7.15
N VAL B 50 -12.57 -12.44 7.65
CA VAL B 50 -13.01 -11.70 8.83
C VAL B 50 -13.00 -12.60 10.05
N ILE B 51 -12.50 -12.07 11.16
CA ILE B 51 -12.40 -12.82 12.40
C ILE B 51 -13.20 -12.08 13.46
N MET B 52 -14.08 -12.80 14.15
CA MET B 52 -14.95 -12.16 15.13
C MET B 52 -15.22 -13.05 16.34
N GLY B 53 -15.58 -12.41 17.45
CA GLY B 53 -15.99 -13.13 18.64
C GLY B 53 -17.37 -13.73 18.43
N LYS B 54 -17.77 -14.64 19.32
CA LYS B 54 -19.03 -15.36 19.18
C LYS B 54 -20.25 -14.46 19.34
N LYS B 55 -20.18 -13.53 20.30
CA LYS B 55 -21.26 -12.60 20.57
C LYS B 55 -21.49 -11.67 19.39
N THR B 56 -20.39 -11.24 18.75
CA THR B 56 -20.47 -10.44 17.53
C THR B 56 -21.15 -11.19 16.39
N TRP B 57 -20.81 -12.47 16.24
CA TRP B 57 -21.43 -13.32 15.22
C TRP B 57 -22.96 -13.33 15.36
N PHE B 58 -23.45 -13.59 16.56
CA PHE B 58 -24.88 -13.66 16.78
C PHE B 58 -25.55 -12.29 16.83
N SER B 59 -24.73 -11.25 16.85
CA SER B 59 -25.25 -9.88 16.75
C SER B 59 -25.60 -9.55 15.31
N ILE B 60 -25.09 -10.35 14.38
CA ILE B 60 -25.42 -10.19 12.96
C ILE B 60 -26.74 -10.88 12.67
N PRO B 61 -27.65 -10.17 11.99
CA PRO B 61 -28.95 -10.72 11.59
C PRO B 61 -28.78 -11.99 10.75
N GLU B 62 -29.53 -13.01 11.11
CA GLU B 62 -29.43 -14.35 10.53
C GLU B 62 -29.39 -14.38 9.00
N LYS B 63 -30.16 -13.49 8.37
CA LYS B 63 -30.23 -13.48 6.90
C LYS B 63 -28.96 -12.88 6.29
N ASN B 64 -28.10 -12.32 7.13
CA ASN B 64 -26.87 -11.70 6.66
C ASN B 64 -25.63 -12.50 7.06
N ARG B 65 -25.86 -13.69 7.60
CA ARG B 65 -24.75 -14.57 7.96
C ARG B 65 -24.69 -15.76 7.00
N PRO B 66 -23.47 -16.12 6.56
CA PRO B 66 -22.22 -15.44 6.86
C PRO B 66 -22.08 -14.15 6.06
N LEU B 67 -21.16 -13.28 6.47
CA LEU B 67 -20.89 -12.05 5.72
C LEU B 67 -20.49 -12.41 4.29
N LYS B 68 -21.27 -11.91 3.33
N LYS B 68 -21.27 -11.93 3.33
CA LYS B 68 -21.07 -12.25 1.92
CA LYS B 68 -21.07 -12.26 1.92
C LYS B 68 -19.75 -11.73 1.37
C LYS B 68 -19.74 -11.74 1.39
N GLY B 69 -19.13 -12.52 0.49
CA GLY B 69 -17.90 -12.12 -0.15
C GLY B 69 -16.66 -12.24 0.72
N ARG B 70 -16.83 -12.72 1.94
CA ARG B 70 -15.72 -12.88 2.86
C ARG B 70 -15.76 -14.25 3.54
N ILE B 71 -14.59 -14.76 3.88
CA ILE B 71 -14.52 -15.98 4.67
C ILE B 71 -14.73 -15.66 6.15
N ASN B 72 -15.77 -16.26 6.74
CA ASN B 72 -16.18 -15.95 8.09
C ASN B 72 -15.59 -16.93 9.10
N LEU B 73 -14.74 -16.42 9.99
CA LEU B 73 -14.18 -17.24 11.05
C LEU B 73 -14.64 -16.70 12.41
N VAL B 74 -15.15 -17.59 13.24
CA VAL B 74 -15.62 -17.23 14.57
C VAL B 74 -14.70 -17.79 15.64
N LEU B 75 -14.33 -16.97 16.61
CA LEU B 75 -13.55 -17.44 17.74
C LEU B 75 -14.46 -17.90 18.86
N SER B 76 -14.16 -19.08 19.41
CA SER B 76 -14.89 -19.60 20.55
C SER B 76 -14.06 -20.70 21.21
N ARG B 77 -14.05 -20.69 22.54
CA ARG B 77 -13.35 -21.73 23.28
C ARG B 77 -14.29 -22.87 23.65
N GLU B 78 -15.59 -22.66 23.42
CA GLU B 78 -16.59 -23.63 23.85
C GLU B 78 -17.12 -24.46 22.69
N LEU B 79 -17.41 -23.81 21.57
N LEU B 79 -17.36 -23.81 21.56
CA LEU B 79 -17.95 -24.49 20.40
CA LEU B 79 -17.92 -24.46 20.38
C LEU B 79 -16.96 -25.47 19.81
C LEU B 79 -17.01 -25.56 19.84
N LYS B 80 -17.47 -26.58 19.28
N LYS B 80 -17.61 -26.61 19.30
CA LYS B 80 -16.63 -27.56 18.61
CA LYS B 80 -16.87 -27.70 18.68
C LYS B 80 -16.94 -27.53 17.11
C LYS B 80 -17.05 -27.62 17.17
N GLU B 81 -17.92 -26.71 16.75
CA GLU B 81 -18.29 -26.54 15.37
C GLU B 81 -18.55 -25.08 15.14
N PRO B 82 -18.30 -24.59 13.91
CA PRO B 82 -18.64 -23.19 13.65
C PRO B 82 -20.14 -23.04 13.79
N PRO B 83 -20.61 -21.89 14.29
CA PRO B 83 -22.06 -21.67 14.37
C PRO B 83 -22.65 -21.75 12.96
N GLN B 84 -23.94 -22.08 12.88
CA GLN B 84 -24.60 -22.26 11.58
C GLN B 84 -24.37 -21.07 10.65
N GLY B 85 -23.82 -21.36 9.48
CA GLY B 85 -23.53 -20.32 8.50
C GLY B 85 -22.06 -19.94 8.44
N ALA B 86 -21.34 -20.10 9.54
CA ALA B 86 -19.93 -19.74 9.60
C ALA B 86 -19.05 -20.75 8.85
N HIS B 87 -17.95 -20.27 8.29
CA HIS B 87 -17.07 -21.11 7.48
C HIS B 87 -16.02 -21.83 8.32
N PHE B 88 -15.53 -21.17 9.36
CA PHE B 88 -14.48 -21.73 10.20
C PHE B 88 -14.61 -21.35 11.67
N LEU B 89 -13.94 -22.11 12.52
CA LEU B 89 -13.94 -21.89 13.96
C LEU B 89 -12.54 -22.12 14.52
N SER B 90 -12.10 -21.23 15.40
CA SER B 90 -10.80 -21.39 16.05
C SER B 90 -10.88 -21.05 17.54
N ARG B 91 -9.95 -21.60 18.32
N ARG B 91 -9.94 -21.60 18.31
CA ARG B 91 -9.94 -21.39 19.76
CA ARG B 91 -9.90 -21.40 19.75
C ARG B 91 -9.25 -20.11 20.16
C ARG B 91 -9.15 -20.13 20.13
N SER B 92 -8.54 -19.50 19.20
N SER B 92 -8.43 -19.56 19.17
CA SER B 92 -7.84 -18.25 19.45
CA SER B 92 -7.65 -18.36 19.42
C SER B 92 -7.44 -17.61 18.14
C SER B 92 -7.39 -17.62 18.11
N LEU B 93 -7.01 -16.35 18.20
CA LEU B 93 -6.55 -15.61 17.04
C LEU B 93 -5.33 -16.30 16.44
N ASP B 94 -4.45 -16.79 17.32
CA ASP B 94 -3.23 -17.45 16.89
C ASP B 94 -3.57 -18.71 16.11
N ASP B 95 -4.54 -19.46 16.60
CA ASP B 95 -5.03 -20.64 15.90
C ASP B 95 -5.66 -20.26 14.57
N ALA B 96 -6.40 -19.15 14.57
CA ALA B 96 -7.08 -18.68 13.37
C ALA B 96 -6.09 -18.32 12.26
N LEU B 97 -5.00 -17.66 12.64
CA LEU B 97 -4.01 -17.23 11.66
C LEU B 97 -3.21 -18.42 11.11
N LYS B 98 -3.01 -19.43 11.95
CA LYS B 98 -2.32 -20.65 11.53
C LYS B 98 -3.16 -21.40 10.52
N LEU B 99 -4.47 -21.37 10.74
CA LEU B 99 -5.43 -22.09 9.91
C LEU B 99 -5.38 -21.59 8.46
N THR B 100 -5.03 -20.32 8.29
CA THR B 100 -4.89 -19.74 6.96
C THR B 100 -3.74 -20.37 6.17
N GLU B 101 -2.77 -20.95 6.86
CA GLU B 101 -1.62 -21.56 6.20
C GLU B 101 -1.84 -23.02 5.84
N GLN B 102 -3.00 -23.55 6.20
CA GLN B 102 -3.29 -24.95 5.93
C GLN B 102 -3.83 -25.06 4.50
N PRO B 103 -3.83 -26.28 3.92
CA PRO B 103 -4.17 -26.42 2.49
C PRO B 103 -5.50 -25.80 2.07
N GLU B 104 -6.55 -25.97 2.86
CA GLU B 104 -7.84 -25.36 2.51
C GLU B 104 -7.78 -23.84 2.32
N LEU B 105 -7.14 -23.14 3.24
CA LEU B 105 -7.13 -21.67 3.17
C LEU B 105 -5.86 -21.07 2.55
N ALA B 106 -4.81 -21.87 2.40
CA ALA B 106 -3.65 -21.45 1.62
C ALA B 106 -4.20 -21.31 0.19
N ASN B 107 -3.72 -20.31 -0.54
CA ASN B 107 -4.23 -19.97 -1.86
C ASN B 107 -5.68 -19.48 -1.83
N LYS B 108 -6.13 -19.08 -0.65
CA LYS B 108 -7.50 -18.59 -0.54
C LYS B 108 -7.67 -17.23 0.13
N VAL B 109 -6.86 -16.90 1.10
CA VAL B 109 -7.00 -15.70 1.94
C VAL B 109 -6.12 -14.55 1.51
N ASP B 110 -6.73 -13.39 1.28
CA ASP B 110 -5.98 -12.18 1.01
C ASP B 110 -5.70 -11.45 2.33
N MET B 111 -6.53 -10.46 2.64
N MET B 111 -6.55 -10.49 2.65
CA MET B 111 -6.36 -9.67 3.85
CA MET B 111 -6.35 -9.69 3.86
C MET B 111 -7.11 -10.29 5.01
C MET B 111 -7.12 -10.27 5.03
N VAL B 112 -6.66 -10.06 6.22
CA VAL B 112 -7.34 -10.52 7.41
C VAL B 112 -7.90 -9.33 8.19
N TRP B 113 -9.18 -9.40 8.54
CA TRP B 113 -9.84 -8.31 9.24
C TRP B 113 -10.45 -8.78 10.57
N ILE B 114 -10.04 -8.15 11.66
CA ILE B 114 -10.65 -8.39 12.96
C ILE B 114 -11.79 -7.40 13.16
N VAL B 115 -13.00 -7.90 13.38
CA VAL B 115 -14.19 -7.06 13.44
C VAL B 115 -14.89 -7.06 14.80
N GLY B 116 -14.15 -7.42 15.85
CA GLY B 116 -14.66 -7.37 17.21
C GLY B 116 -15.05 -8.72 17.77
N GLY B 117 -15.37 -8.77 19.07
CA GLY B 117 -15.46 -7.58 19.89
C GLY B 117 -14.22 -7.29 20.73
N SER B 118 -14.46 -6.78 21.93
CA SER B 118 -13.42 -6.28 22.85
C SER B 118 -12.17 -7.16 22.98
N SER B 119 -12.36 -8.41 23.38
N SER B 119 -12.35 -8.41 23.39
CA SER B 119 -11.26 -9.33 23.62
CA SER B 119 -11.21 -9.29 23.62
C SER B 119 -10.48 -9.64 22.34
C SER B 119 -10.47 -9.63 22.34
N VAL B 120 -11.20 -9.67 21.22
CA VAL B 120 -10.58 -9.94 19.93
C VAL B 120 -9.66 -8.79 19.51
N TYR B 121 -10.14 -7.56 19.71
CA TYR B 121 -9.33 -6.37 19.45
C TYR B 121 -8.09 -6.33 20.32
N LYS B 122 -8.30 -6.59 21.61
CA LYS B 122 -7.23 -6.57 22.61
C LYS B 122 -6.09 -7.51 22.24
N GLU B 123 -6.45 -8.73 21.88
CA GLU B 123 -5.48 -9.73 21.46
C GLU B 123 -4.79 -9.29 20.18
N ALA B 124 -5.59 -8.92 19.19
CA ALA B 124 -5.08 -8.48 17.89
C ALA B 124 -4.13 -7.29 18.00
N MET B 125 -4.51 -6.30 18.81
CA MET B 125 -3.73 -5.07 18.91
C MET B 125 -2.38 -5.29 19.61
N ASN B 126 -2.27 -6.42 20.29
CA ASN B 126 -1.01 -6.81 20.92
C ASN B 126 -0.20 -7.79 20.09
N HIS B 127 -0.77 -8.24 18.98
CA HIS B 127 -0.08 -9.18 18.10
C HIS B 127 1.12 -8.51 17.46
N PRO B 128 2.25 -9.23 17.38
CA PRO B 128 3.48 -8.64 16.83
C PRO B 128 3.37 -8.40 15.33
N GLY B 129 4.15 -7.45 14.83
CA GLY B 129 4.22 -7.20 13.40
C GLY B 129 3.35 -6.04 12.96
N HIS B 130 3.16 -5.91 11.65
CA HIS B 130 2.40 -4.79 11.11
C HIS B 130 0.90 -4.94 11.37
N LEU B 131 0.29 -3.86 11.84
CA LEU B 131 -1.14 -3.84 12.12
C LEU B 131 -1.72 -2.47 11.88
N LYS B 132 -2.83 -2.43 11.17
CA LYS B 132 -3.58 -1.19 10.99
C LYS B 132 -4.90 -1.24 11.74
N LEU B 133 -5.25 -0.16 12.41
CA LEU B 133 -6.54 -0.04 13.07
C LEU B 133 -7.37 1.00 12.34
N PHE B 134 -8.49 0.57 11.80
CA PHE B 134 -9.42 1.47 11.15
C PHE B 134 -10.50 1.84 12.17
N VAL B 135 -10.41 3.06 12.67
CA VAL B 135 -11.25 3.48 13.78
C VAL B 135 -12.18 4.60 13.36
N THR B 136 -13.49 4.32 13.42
CA THR B 136 -14.48 5.35 13.21
C THR B 136 -14.83 6.01 14.53
N ARG B 137 -14.49 7.28 14.66
CA ARG B 137 -14.79 8.04 15.87
C ARG B 137 -16.18 8.65 15.79
N ILE B 138 -17.15 8.01 16.44
CA ILE B 138 -18.48 8.59 16.58
C ILE B 138 -18.39 9.70 17.61
N MET B 139 -18.63 10.93 17.17
N MET B 139 -18.63 10.93 17.17
CA MET B 139 -18.39 12.11 17.98
CA MET B 139 -18.40 12.12 17.98
C MET B 139 -19.56 12.45 18.89
C MET B 139 -19.55 12.46 18.93
N GLN B 140 -20.10 11.44 19.58
CA GLN B 140 -21.15 11.62 20.56
C GLN B 140 -21.03 10.57 21.65
N ASP B 141 -21.55 10.88 22.84
CA ASP B 141 -21.62 9.87 23.90
C ASP B 141 -22.82 8.98 23.61
N PHE B 142 -22.64 7.69 23.82
CA PHE B 142 -23.76 6.75 23.70
C PHE B 142 -23.70 5.76 24.83
N GLU B 143 -24.86 5.45 25.41
CA GLU B 143 -24.90 4.48 26.48
C GLU B 143 -24.44 3.13 25.96
N SER B 144 -23.44 2.57 26.64
CA SER B 144 -22.76 1.37 26.17
C SER B 144 -22.47 0.40 27.30
N ASP B 145 -22.35 -0.88 26.96
CA ASP B 145 -21.97 -1.91 27.93
C ASP B 145 -20.75 -2.70 27.45
N THR B 146 -20.23 -2.31 26.30
CA THR B 146 -19.07 -2.96 25.69
C THR B 146 -18.18 -1.85 25.14
N PHE B 147 -16.88 -1.93 25.44
CA PHE B 147 -16.00 -0.80 25.19
C PHE B 147 -14.76 -1.10 24.38
N PHE B 148 -14.20 -0.06 23.77
CA PHE B 148 -12.93 -0.15 23.07
C PHE B 148 -11.94 0.74 23.82
N PRO B 149 -10.84 0.14 24.29
CA PRO B 149 -9.82 0.83 25.09
C PRO B 149 -9.09 1.89 24.27
N GLU B 150 -8.56 2.91 24.94
N GLU B 150 -8.56 2.91 24.94
CA GLU B 150 -7.81 3.97 24.26
CA GLU B 150 -7.79 3.95 24.29
C GLU B 150 -6.55 3.38 23.64
C GLU B 150 -6.56 3.35 23.62
N ILE B 151 -6.13 3.95 22.51
CA ILE B 151 -5.01 3.41 21.75
C ILE B 151 -3.67 3.88 22.31
N ASP B 152 -2.76 2.92 22.49
CA ASP B 152 -1.42 3.17 23.01
C ASP B 152 -0.57 3.83 21.92
N LEU B 153 -0.43 5.16 22.00
CA LEU B 153 0.33 5.90 20.99
C LEU B 153 1.83 5.63 21.07
N GLU B 154 2.24 4.86 22.07
CA GLU B 154 3.61 4.37 22.14
C GLU B 154 3.83 3.34 21.05
N LYS B 155 2.78 2.58 20.72
N LYS B 155 2.77 2.61 20.73
CA LYS B 155 2.87 1.57 19.67
CA LYS B 155 2.83 1.55 19.74
C LYS B 155 2.28 2.08 18.38
C LYS B 155 2.24 2.03 18.40
N TYR B 156 1.11 2.72 18.47
CA TYR B 156 0.38 3.12 17.28
C TYR B 156 0.56 4.58 16.89
N LYS B 157 0.63 4.81 15.60
CA LYS B 157 0.73 6.14 15.04
C LYS B 157 -0.55 6.47 14.28
N LEU B 158 -1.09 7.66 14.51
CA LEU B 158 -2.24 8.12 13.76
C LEU B 158 -1.76 8.66 12.42
N LEU B 159 -2.27 8.07 11.34
CA LEU B 159 -1.89 8.48 10.00
C LEU B 159 -2.71 9.71 9.60
N PRO B 160 -2.06 10.73 9.06
CA PRO B 160 -2.74 12.00 8.76
C PRO B 160 -3.84 11.80 7.72
N GLU B 161 -3.60 10.92 6.76
CA GLU B 161 -4.62 10.52 5.81
C GLU B 161 -4.31 9.09 5.37
N TYR B 162 -5.14 8.54 4.49
CA TYR B 162 -4.94 7.19 3.98
C TYR B 162 -5.72 6.99 2.69
N PRO B 163 -5.10 6.35 1.70
CA PRO B 163 -5.73 6.11 0.40
C PRO B 163 -7.04 5.34 0.53
N GLY B 164 -8.11 5.87 -0.05
CA GLY B 164 -9.39 5.19 -0.02
C GLY B 164 -10.25 5.54 1.19
N VAL B 165 -9.71 6.38 2.07
CA VAL B 165 -10.42 6.76 3.28
C VAL B 165 -10.67 8.26 3.37
N LEU B 166 -11.93 8.65 3.56
CA LEU B 166 -12.31 10.05 3.65
C LEU B 166 -11.69 10.72 4.88
N SER B 167 -11.24 11.96 4.71
N SER B 167 -11.26 11.96 4.72
CA SER B 167 -10.55 12.66 5.78
CA SER B 167 -10.54 12.67 5.77
C SER B 167 -11.47 13.59 6.57
C SER B 167 -11.40 13.68 6.53
N ASP B 168 -12.49 14.12 5.91
CA ASP B 168 -13.36 15.12 6.52
C ASP B 168 -14.39 14.48 7.46
N VAL B 169 -14.90 15.28 8.38
CA VAL B 169 -15.96 14.83 9.27
C VAL B 169 -17.20 14.43 8.48
N GLN B 170 -17.75 13.27 8.81
CA GLN B 170 -18.96 12.78 8.16
C GLN B 170 -20.16 13.01 9.07
N GLU B 171 -21.34 13.00 8.49
N GLU B 171 -21.35 13.00 8.49
CA GLU B 171 -22.58 13.14 9.26
CA GLU B 171 -22.58 13.15 9.26
C GLU B 171 -23.72 12.34 8.66
C GLU B 171 -23.72 12.34 8.65
N GLU B 172 -24.32 11.48 9.46
CA GLU B 172 -25.49 10.71 9.06
C GLU B 172 -26.48 10.74 10.19
N LYS B 173 -27.75 10.99 9.85
CA LYS B 173 -28.82 11.07 10.83
C LYS B 173 -28.50 12.01 11.99
N GLY B 174 -27.88 13.14 11.68
CA GLY B 174 -27.51 14.12 12.68
C GLY B 174 -26.31 13.75 13.52
N ILE B 175 -25.74 12.57 13.25
CA ILE B 175 -24.60 12.10 14.03
C ILE B 175 -23.28 12.31 13.27
N LYS B 176 -22.35 13.02 13.88
CA LYS B 176 -21.06 13.28 13.25
C LYS B 176 -20.04 12.22 13.61
N TYR B 177 -19.24 11.83 12.61
CA TYR B 177 -18.14 10.91 12.84
C TYR B 177 -17.01 11.15 11.84
N LYS B 178 -15.85 10.56 12.11
CA LYS B 178 -14.72 10.66 11.20
C LYS B 178 -13.91 9.37 11.16
N PHE B 179 -13.40 9.04 9.99
CA PHE B 179 -12.62 7.82 9.82
C PHE B 179 -11.15 8.08 10.16
N GLU B 180 -10.60 7.25 11.03
CA GLU B 180 -9.20 7.35 11.41
C GLU B 180 -8.47 6.06 11.07
N VAL B 181 -7.19 6.16 10.73
CA VAL B 181 -6.37 4.97 10.51
C VAL B 181 -5.11 5.04 11.36
N TYR B 182 -4.91 4.02 12.20
CA TYR B 182 -3.71 3.93 13.02
C TYR B 182 -2.83 2.80 12.51
N GLU B 183 -1.54 2.88 12.78
CA GLU B 183 -0.61 1.87 12.28
C GLU B 183 0.55 1.64 13.24
N LYS B 184 0.91 0.36 13.42
CA LYS B 184 2.16 0.00 14.07
C LYS B 184 2.91 -0.98 13.18
N ASN B 185 4.22 -1.11 13.41
CA ASN B 185 5.05 -1.87 12.49
C ASN B 185 5.75 -3.09 13.09
N ASP B 186 5.94 -3.08 14.41
CA ASP B 186 6.70 -4.12 15.09
C ASP B 186 5.91 -4.73 16.25
CAA 25U C . 9.06 4.53 -4.07
CAO 25U C . 9.17 5.21 -5.42
C4 25U C . 9.70 4.49 -6.49
N3 25U C . 10.07 3.14 -6.49
C2 25U C . 10.60 2.58 -7.69
NAD 25U C . 10.97 1.31 -7.74
N1 25U C . 10.74 3.34 -8.79
C6 25U C . 10.38 4.64 -8.78
NAE 25U C . 10.50 5.42 -9.85
C5 25U C . 9.84 5.22 -7.65
CAF 25U C . 9.47 6.58 -7.61
CAG 25U C . 9.14 7.70 -7.58
CBB 25U C . 8.74 9.16 -7.55
CAY 25U C . 9.93 9.78 -7.19
CAN 25U C . 10.14 10.15 -5.87
CAM 25U C . 10.90 10.03 -8.15
CAV 25U C . 12.10 10.63 -7.78
CAL 25U C . 12.32 10.97 -6.44
CAX 25U C . 11.37 10.65 -5.48
CAW 25U C . 11.56 11.08 -4.19
CAJ 25U C . 10.43 11.24 -3.38
NAO 25U C . 10.57 11.66 -2.07
CAI 25U C . 11.85 11.94 -1.56
NAP 25U C . 12.98 11.80 -2.37
CAK 25U C . 12.83 11.36 -3.70
C1 EOH D . 0.56 -4.68 -13.17
C2 EOH D . 0.94 -6.02 -13.71
O EOH D . 1.68 -4.05 -12.66
CL CL E . 10.13 -14.10 2.25
CL CL F . 3.40 -6.33 6.28
MG MG G . 12.66 -13.25 -10.48
CL CL H . 32.47 0.41 -13.99
CL CL I . 16.69 9.01 -3.33
CL CL J . 16.27 -1.87 2.77
MG MG K . 13.29 -11.90 -0.18
PA NDP L . 6.09 13.98 -15.31
O1A NDP L . 6.39 13.08 -16.45
O2A NDP L . 7.05 13.79 -14.20
O5B NDP L . 6.09 15.51 -15.80
C5B NDP L . 5.43 15.85 -17.00
C4B NDP L . 6.15 17.05 -17.59
O4B NDP L . 7.51 16.74 -17.75
C3B NDP L . 5.64 17.44 -18.96
O3B NDP L . 4.60 18.38 -18.85
C2B NDP L . 6.88 18.04 -19.59
O2B NDP L . 7.03 19.31 -19.02
C1B NDP L . 7.98 17.18 -19.01
N9A NDP L . 8.22 15.99 -19.85
C8A NDP L . 7.68 14.75 -19.63
N7A NDP L . 8.13 13.91 -20.59
C5A NDP L . 8.95 14.60 -21.41
C6A NDP L . 9.66 14.22 -22.54
N6A NDP L . 9.59 12.97 -22.98
N1A NDP L . 10.43 15.16 -23.20
C2A NDP L . 10.49 16.46 -22.73
N3A NDP L . 9.78 16.83 -21.61
C4A NDP L . 9.01 15.91 -20.96
O3 NDP L . 4.56 13.79 -14.85
PN NDP L . 3.64 12.51 -14.53
O1N NDP L . 2.30 13.02 -14.19
O2N NDP L . 3.79 11.53 -15.63
O5D NDP L . 4.31 11.90 -13.21
C5D NDP L . 4.12 12.53 -11.98
C4D NDP L . 3.32 11.61 -11.05
O4D NDP L . 3.82 10.30 -11.16
C3D NDP L . 3.50 12.04 -9.61
O3D NDP L . 2.31 11.79 -8.92
C2D NDP L . 4.58 11.12 -9.10
O2D NDP L . 4.43 10.88 -7.72
C1D NDP L . 4.34 9.87 -9.92
N1N NDP L . 5.57 9.09 -10.13
C2N NDP L . 5.60 7.81 -9.68
C3N NDP L . 6.73 7.02 -9.87
C7N NDP L . 6.62 5.55 -9.61
O7N NDP L . 7.67 4.69 -9.97
N7N NDP L . 5.50 5.10 -9.03
C4N NDP L . 7.83 7.55 -10.52
C5N NDP L . 7.78 8.86 -10.99
C6N NDP L . 6.64 9.63 -10.79
P2B NDP L . 6.58 20.67 -19.74
O1X NDP L . 6.93 20.63 -21.20
O2X NDP L . 5.10 20.85 -19.54
O3X NDP L . 7.30 21.80 -19.06
MG MG M . 7.71 -15.36 -3.30
SR SR N . -0.44 -8.74 5.13
CAA 25U O . -21.25 -0.26 11.81
CAO 25U O . -20.44 -1.35 12.46
C4 25U O . -19.06 -1.26 12.35
N3 25U O . -18.37 -0.16 11.77
C2 25U O . -16.97 -0.24 11.74
NAD 25U O . -16.26 0.75 11.20
N1 25U O . -16.32 -1.30 12.24
C6 25U O . -16.98 -2.32 12.80
NAE 25U O . -16.39 -3.39 13.30
C5 25U O . -18.36 -2.31 12.87
CAF 25U O . -19.07 -3.38 13.44
CAG 25U O . -19.62 -4.18 13.89
CBB 25U O . -20.40 -5.28 14.45
CAY 25U O . -20.58 -6.08 13.36
CAN 25U O . -21.75 -6.01 12.60
CAM 25U O . -19.54 -6.91 12.98
CAV 25U O . -19.65 -7.70 11.85
CAL 25U O . -20.81 -7.64 11.10
CAX 25U O . -21.83 -6.77 11.44
CAW 25U O . -22.98 -6.79 10.67
CAJ 25U O . -24.14 -6.17 11.11
NAO 25U O . -25.28 -6.21 10.30
CAI 25U O . -25.26 -6.89 9.07
NAP 25U O . -24.08 -7.52 8.65
CAK 25U O . -22.94 -7.47 9.46
C1 EOH P . -32.74 4.24 7.48
C2 EOH P . -33.73 3.28 6.90
O EOH P . -31.51 3.63 7.62
C1 EOH Q . -34.01 -19.32 10.92
C2 EOH Q . -35.37 -19.23 11.54
O EOH Q . -33.20 -20.12 11.69
CL CL R . -3.19 -6.50 5.25
MG MG S . -27.77 -1.67 14.71
CL CL T . -3.65 9.15 0.32
CL CL U . -22.21 -2.78 1.05
MG MG V . 3.69 -16.09 9.16
MG MG W . -4.78 -6.96 -1.47
N NH4 X . -28.84 0.34 17.58
MG MG Y . -23.62 -5.59 24.02
MG MG Z . 1.82 8.23 18.17
PA NDP AA . -17.41 -10.82 21.49
O1A NDP AA . -15.96 -10.53 21.59
O2A NDP AA . -17.90 -10.62 20.10
O5B NDP AA . -17.71 -12.31 21.99
C5B NDP AA . -17.10 -12.84 23.15
C4B NDP AA . -17.03 -14.35 22.97
O4B NDP AA . -16.31 -14.62 21.79
C3B NDP AA . -16.31 -15.07 24.10
O3B NDP AA . -17.22 -15.50 25.08
C2B NDP AA . -15.68 -16.23 23.36
O2B NDP AA . -16.67 -17.20 23.16
C1B NDP AA . -15.36 -15.65 22.01
N9A NDP AA . -14.03 -15.02 22.01
C8A NDP AA . -13.79 -13.67 22.11
N7A NDP AA . -12.45 -13.47 22.09
C5A NDP AA . -11.84 -14.67 21.96
C6A NDP AA . -10.50 -15.03 21.88
N6A NDP AA . -9.56 -14.09 21.92
N1A NDP AA . -10.16 -16.36 21.76
C2A NDP AA . -11.15 -17.32 21.71
N3A NDP AA . -12.48 -16.95 21.79
C4A NDP AA . -12.82 -15.65 21.92
O3 NDP AA . -18.24 -9.94 22.56
PN NDP AA . -18.29 -8.38 22.90
O1N NDP AA . -19.34 -8.19 23.94
O2N NDP AA . -16.92 -7.89 23.16
O5D NDP AA . -18.83 -7.71 21.53
C5D NDP AA . -20.18 -7.84 21.15
C4D NDP AA . -20.87 -6.48 21.28
O4D NDP AA . -20.06 -5.48 20.71
C3D NDP AA . -22.18 -6.47 20.51
O3D NDP AA . -23.09 -5.63 21.20
C2D NDP AA . -21.81 -5.83 19.19
O2D NDP AA . -22.90 -5.10 18.68
C1D NDP AA . -20.68 -4.90 19.59
N1N NDP AA . -19.68 -4.74 18.51
C2N NDP AA . -19.39 -3.48 18.08
C3N NDP AA . -18.44 -3.27 17.09
C7N NDP AA . -18.13 -1.87 16.67
O7N NDP AA . -17.10 -1.64 15.74
N7N NDP AA . -18.84 -0.87 17.19
C4N NDP AA . -17.77 -4.36 16.54
C5N NDP AA . -18.06 -5.63 17.01
C6N NDP AA . -19.03 -5.81 18.00
P2B NDP AA . -16.86 -18.51 24.07
O1X NDP AA . -15.53 -19.12 24.39
O2X NDP AA . -17.59 -18.12 25.33
O3X NDP AA . -17.70 -19.49 23.29
MG MG BA . -10.62 -3.29 -6.10
#